data_5F00
#
_entry.id   5F00
#
_cell.length_a   103.504
_cell.length_b   103.504
_cell.length_c   169.212
_cell.angle_alpha   90.00
_cell.angle_beta   90.00
_cell.angle_gamma   120.00
#
_symmetry.space_group_name_H-M   'P 61 2 2'
#
loop_
_entity.id
_entity.type
_entity.pdbx_description
1 polymer 'Beta-secretase 1'
2 non-polymer 'SODIUM ION'
3 non-polymer 'DIMETHYL SULFOXIDE'
4 non-polymer (5~{R})-5-[3-[(3-chloranylquinolin-8-yl)amino]phenyl]-5-methyl-2,6-dihydro-1,4-oxazin-3-amine
5 water water
#
_entity_poly.entity_id   1
_entity_poly.type   'polypeptide(L)'
_entity_poly.pdbx_seq_one_letter_code
;RGSFVEMVDNLRGKSGQGYYVEMTVGSPPQTLNILVDTGSSNFAVGAAPHPFLHRYYQRQLSSTYRDLRKGVYVPYTQGK
WEGELGTDLVSIPHGPNVTVRANIAAITESDKFFINGSNWEGILGLAYAEIARPDDSLEPFFDSLVKQTHVPNLFSLQLC
GAGFPLNQSEVLASVGGSMIIGGIDHSLYTGSLWYTPIRREWYYEVIIVRVEINGQDLKMDCKEYNYDKSIVDSGTTNLR
LPKKVFEAAVASIKAASSTEKFPDGFWLGEQLVCWQAGTTPWNIFPVISLYLMGEVTNQSFRITILPQQYLRPVEDVATS
QDDCYKFAISQSSTGTVMGAVIMEGFYVVFDRARKRIGFAVSACHVHDEFRTAAVEGPFVTLDMEDCGYN
;
_entity_poly.pdbx_strand_id   A
#
loop_
_chem_comp.id
_chem_comp.type
_chem_comp.name
_chem_comp.formula
5T8 non-polymer (5~{R})-5-[3-[(3-chloranylquinolin-8-yl)amino]phenyl]-5-methyl-2,6-dihydro-1,4-oxazin-3-amine 'C20 H19 Cl N4 O'
DMS non-polymer 'DIMETHYL SULFOXIDE' 'C2 H6 O S'
NA non-polymer 'SODIUM ION' 'Na 1'
#
# COMPACT_ATOMS: atom_id res chain seq x y z
N ARG A 1 12.50 -0.75 20.67
CA ARG A 1 12.79 0.37 19.72
C ARG A 1 13.99 0.02 18.83
N GLY A 2 13.78 0.08 17.52
CA GLY A 2 14.85 -0.12 16.54
C GLY A 2 15.13 -1.56 16.12
N SER A 3 14.64 -2.50 16.92
CA SER A 3 14.85 -3.93 16.68
C SER A 3 13.60 -4.74 17.04
N PHE A 4 13.10 -5.52 16.08
CA PHE A 4 11.89 -6.33 16.28
C PHE A 4 12.02 -7.63 15.49
N VAL A 5 13.04 -8.41 15.86
CA VAL A 5 13.42 -9.57 15.06
C VAL A 5 12.26 -10.58 14.85
N GLU A 6 11.34 -10.65 15.82
CA GLU A 6 10.18 -11.52 15.72
C GLU A 6 9.15 -11.08 14.66
N MET A 7 9.22 -9.81 14.24
CA MET A 7 8.31 -9.27 13.22
C MET A 7 8.88 -9.22 11.80
N VAL A 8 10.20 -9.36 11.66
CA VAL A 8 10.84 -9.39 10.36
C VAL A 8 10.33 -10.55 9.52
N ASP A 9 10.05 -10.32 8.25
CA ASP A 9 9.61 -11.38 7.33
C ASP A 9 8.26 -12.04 7.78
N ASN A 10 7.40 -11.25 8.42
CA ASN A 10 6.05 -11.71 8.75
C ASN A 10 5.01 -11.55 7.60
N LEU A 11 5.43 -11.02 6.47
CA LEU A 11 4.53 -10.85 5.33
C LEU A 11 4.80 -11.88 4.28
N ARG A 12 3.75 -12.32 3.57
CA ARG A 12 3.88 -13.29 2.47
C ARG A 12 2.95 -12.85 1.34
N GLY A 13 3.09 -13.47 0.18
CA GLY A 13 2.17 -13.27 -0.92
C GLY A 13 2.59 -14.00 -2.18
N LYS A 14 1.72 -13.94 -3.19
CA LYS A 14 2.11 -14.25 -4.57
C LYS A 14 2.04 -12.97 -5.39
N SER A 15 2.91 -12.89 -6.38
CA SER A 15 2.93 -11.77 -7.32
C SER A 15 1.55 -11.53 -7.89
N GLY A 16 1.04 -10.31 -7.72
CA GLY A 16 -0.23 -9.93 -8.28
C GLY A 16 -1.40 -10.20 -7.35
N GLN A 17 -1.12 -10.75 -6.16
CA GLN A 17 -2.19 -11.10 -5.21
C GLN A 17 -2.07 -10.43 -3.84
N GLY A 18 -1.14 -9.48 -3.70
CA GLY A 18 -1.05 -8.67 -2.49
C GLY A 18 -0.17 -9.27 -1.41
N TYR A 19 -0.06 -8.54 -0.30
CA TYR A 19 0.77 -8.96 0.82
C TYR A 19 -0.11 -9.22 2.03
N TYR A 20 0.05 -10.39 2.64
CA TYR A 20 -0.73 -10.71 3.83
C TYR A 20 0.09 -11.05 5.07
N VAL A 21 -0.53 -10.83 6.21
CA VAL A 21 0.00 -11.20 7.52
C VAL A 21 -0.91 -12.23 8.19
N GLU A 22 -0.30 -13.14 8.97
CA GLU A 22 -1.06 -14.07 9.82
C GLU A 22 -1.67 -13.35 11.01
N MET A 23 -2.97 -13.60 11.24
CA MET A 23 -3.67 -13.06 12.41
C MET A 23 -4.49 -14.17 13.05
N THR A 24 -4.93 -13.96 14.28
CA THR A 24 -5.86 -14.91 14.87
C THR A 24 -7.05 -14.13 15.37
N VAL A 25 -8.24 -14.71 15.23
CA VAL A 25 -9.47 -14.12 15.78
C VAL A 25 -10.15 -15.19 16.65
N GLY A 26 -10.82 -14.75 17.71
CA GLY A 26 -11.64 -15.62 18.56
C GLY A 26 -10.90 -16.30 19.71
N SER A 27 -11.68 -16.95 20.58
CA SER A 27 -11.11 -17.82 21.59
C SER A 27 -11.83 -19.17 21.54
N PRO A 28 -11.10 -20.27 21.32
CA PRO A 28 -9.65 -20.34 21.07
C PRO A 28 -9.28 -19.68 19.73
N PRO A 29 -7.99 -19.30 19.56
CA PRO A 29 -7.59 -18.55 18.35
C PRO A 29 -7.86 -19.26 17.02
N GLN A 30 -8.51 -18.60 16.06
CA GLN A 30 -8.63 -19.16 14.69
C GLN A 30 -7.65 -18.39 13.76
N THR A 31 -6.76 -19.12 13.09
CA THR A 31 -5.71 -18.50 12.26
C THR A 31 -6.30 -18.10 10.91
N LEU A 32 -6.08 -16.86 10.49
CA LEU A 32 -6.39 -16.43 9.12
C LEU A 32 -5.23 -15.63 8.54
N ASN A 33 -5.10 -15.66 7.22
CA ASN A 33 -4.14 -14.82 6.50
C ASN A 33 -4.89 -13.60 6.01
N ILE A 34 -4.34 -12.41 6.30
CA ILE A 34 -5.08 -11.17 6.12
C ILE A 34 -4.25 -10.19 5.30
N LEU A 35 -4.85 -9.71 4.20
CA LEU A 35 -4.23 -8.70 3.32
C LEU A 35 -4.04 -7.36 4.06
N VAL A 36 -2.82 -6.82 3.96
CA VAL A 36 -2.46 -5.59 4.64
C VAL A 36 -2.77 -4.39 3.72
N ASP A 37 -3.65 -3.50 4.15
CA ASP A 37 -4.20 -2.47 3.27
C ASP A 37 -4.19 -1.08 3.91
N THR A 38 -3.21 -0.25 3.52
CA THR A 38 -3.16 1.12 4.04
C THR A 38 -4.15 2.03 3.36
N GLY A 39 -4.90 1.51 2.37
CA GLY A 39 -5.90 2.30 1.65
C GLY A 39 -7.40 2.11 2.01
N SER A 40 -7.69 1.46 3.13
CA SER A 40 -9.05 1.36 3.68
C SER A 40 -8.92 1.19 5.18
N SER A 41 -10.06 1.14 5.90
CA SER A 41 -10.06 1.16 7.36
C SER A 41 -10.95 0.15 8.09
N ASN A 42 -11.44 -0.86 7.35
CA ASN A 42 -12.20 -1.96 7.96
C ASN A 42 -11.40 -3.23 8.06
N PHE A 43 -11.55 -3.93 9.18
CA PHE A 43 -11.07 -5.29 9.32
C PHE A 43 -12.23 -6.22 8.94
N ALA A 44 -12.06 -6.91 7.81
CA ALA A 44 -13.16 -7.72 7.23
C ALA A 44 -12.61 -9.05 6.82
N VAL A 45 -13.28 -10.12 7.26
CA VAL A 45 -12.83 -11.49 7.02
C VAL A 45 -13.97 -12.37 6.45
N GLY A 46 -13.60 -13.28 5.54
CA GLY A 46 -14.55 -14.31 5.10
C GLY A 46 -15.08 -15.04 6.32
N ALA A 47 -16.39 -15.28 6.35
CA ALA A 47 -17.06 -15.91 7.48
C ALA A 47 -18.05 -17.00 7.05
N ALA A 48 -17.98 -17.35 5.77
CA ALA A 48 -18.86 -18.36 5.17
C ALA A 48 -18.03 -19.15 4.19
N PRO A 49 -18.43 -20.40 3.85
CA PRO A 49 -17.57 -21.21 2.97
C PRO A 49 -17.65 -20.86 1.48
N HIS A 50 -17.22 -19.66 1.13
CA HIS A 50 -17.03 -19.30 -0.27
C HIS A 50 -16.00 -20.27 -0.86
N PRO A 51 -16.16 -20.67 -2.13
CA PRO A 51 -15.27 -21.71 -2.69
C PRO A 51 -13.81 -21.31 -2.82
N PHE A 52 -13.53 -20.02 -2.95
CA PHE A 52 -12.15 -19.55 -3.13
C PHE A 52 -11.31 -19.56 -1.85
N LEU A 53 -11.97 -19.74 -0.70
CA LEU A 53 -11.31 -19.53 0.58
C LEU A 53 -10.69 -20.79 1.13
N HIS A 54 -9.45 -20.66 1.61
CA HIS A 54 -8.80 -21.76 2.32
C HIS A 54 -9.44 -21.99 3.65
N ARG A 55 -9.91 -20.90 4.26
CA ARG A 55 -10.51 -20.96 5.57
C ARG A 55 -11.32 -19.71 5.79
N TYR A 56 -12.06 -19.69 6.89
CA TYR A 56 -12.93 -18.59 7.20
C TYR A 56 -13.24 -18.57 8.67
N TYR A 57 -13.65 -17.40 9.14
CA TYR A 57 -13.98 -17.13 10.52
C TYR A 57 -15.30 -17.76 10.88
N GLN A 58 -15.27 -18.65 11.86
CA GLN A 58 -16.49 -19.33 12.32
C GLN A 58 -16.84 -18.79 13.68
N ARG A 59 -17.73 -17.82 13.70
CA ARG A 59 -18.02 -17.10 14.92
C ARG A 59 -18.55 -17.99 16.04
N GLN A 60 -19.32 -19.01 15.65
CA GLN A 60 -19.95 -19.96 16.58
C GLN A 60 -18.91 -20.69 17.43
N LEU A 61 -17.66 -20.69 16.96
CA LEU A 61 -16.59 -21.39 17.69
C LEU A 61 -15.88 -20.50 18.71
N SER A 62 -16.23 -19.22 18.75
CA SER A 62 -15.57 -18.26 19.62
C SER A 62 -16.42 -17.87 20.83
N SER A 63 -15.89 -18.10 22.02
CA SER A 63 -16.55 -17.70 23.26
C SER A 63 -16.48 -16.19 23.48
N THR A 64 -15.54 -15.52 22.80
CA THR A 64 -15.30 -14.11 23.03
C THR A 64 -15.97 -13.17 22.01
N TYR A 65 -16.64 -13.76 21.02
CA TYR A 65 -17.38 -13.00 20.03
C TYR A 65 -18.57 -12.26 20.60
N ARG A 66 -18.70 -10.99 20.27
CA ARG A 66 -19.88 -10.20 20.62
C ARG A 66 -20.54 -9.59 19.40
N ASP A 67 -21.81 -9.95 19.19
CA ASP A 67 -22.59 -9.44 18.07
C ASP A 67 -22.96 -7.97 18.25
N LEU A 68 -22.78 -7.18 17.20
CA LEU A 68 -23.14 -5.77 17.23
C LEU A 68 -24.51 -5.51 16.61
N ARG A 69 -25.12 -6.55 16.03
CA ARG A 69 -26.50 -6.46 15.53
C ARG A 69 -26.67 -5.38 14.49
N LYS A 70 -25.77 -5.38 13.52
CA LYS A 70 -25.67 -4.30 12.56
C LYS A 70 -24.98 -4.88 11.33
N GLY A 71 -25.45 -4.50 10.15
CA GLY A 71 -24.91 -4.99 8.89
C GLY A 71 -24.15 -3.89 8.19
N VAL A 72 -23.37 -4.26 7.18
CA VAL A 72 -22.68 -3.30 6.31
C VAL A 72 -22.54 -3.82 4.87
N TYR A 73 -22.82 -2.94 3.91
CA TYR A 73 -22.68 -3.23 2.49
C TYR A 73 -21.58 -2.32 1.93
N VAL A 74 -20.52 -2.92 1.38
CA VAL A 74 -19.37 -2.15 0.91
C VAL A 74 -19.14 -2.43 -0.55
N PRO A 75 -19.67 -1.54 -1.42
CA PRO A 75 -19.34 -1.60 -2.84
C PRO A 75 -18.02 -0.88 -3.14
N TYR A 76 -17.21 -1.44 -4.03
CA TYR A 76 -16.01 -0.77 -4.55
C TYR A 76 -16.27 -0.51 -6.01
N THR A 77 -15.35 0.18 -6.68
CA THR A 77 -15.48 0.45 -8.12
C THR A 77 -15.98 -0.77 -8.89
N GLN A 78 -15.38 -1.93 -8.63
CA GLN A 78 -15.83 -3.14 -9.31
C GLN A 78 -16.49 -4.22 -8.40
N GLY A 79 -15.85 -4.55 -7.28
CA GLY A 79 -16.41 -5.58 -6.39
C GLY A 79 -17.20 -5.08 -5.18
N LYS A 80 -17.80 -6.02 -4.44
CA LYS A 80 -18.51 -5.69 -3.21
C LYS A 80 -18.39 -6.80 -2.18
N TRP A 81 -18.58 -6.47 -0.92
CA TRP A 81 -18.88 -7.47 0.11
C TRP A 81 -19.92 -6.90 1.07
N GLU A 82 -20.72 -7.79 1.69
CA GLU A 82 -21.57 -7.38 2.82
C GLU A 82 -21.24 -8.27 4.00
N GLY A 83 -21.34 -7.72 5.20
CA GLY A 83 -21.05 -8.52 6.36
C GLY A 83 -21.82 -8.15 7.60
N GLU A 84 -21.63 -8.94 8.63
CA GLU A 84 -22.23 -8.66 9.92
C GLU A 84 -21.17 -8.19 10.88
N LEU A 85 -21.43 -7.06 11.53
CA LEU A 85 -20.46 -6.44 12.45
C LEU A 85 -20.51 -7.06 13.82
N GLY A 86 -19.32 -7.21 14.40
CA GLY A 86 -19.14 -7.74 15.75
C GLY A 86 -17.77 -7.38 16.28
N THR A 87 -17.48 -7.82 17.48
CA THR A 87 -16.15 -7.68 18.02
C THR A 87 -15.65 -9.01 18.52
N ASP A 88 -14.34 -9.13 18.64
CA ASP A 88 -13.74 -10.33 19.16
C ASP A 88 -12.31 -9.99 19.47
N LEU A 89 -11.62 -10.94 20.09
CA LEU A 89 -10.23 -10.79 20.44
C LEU A 89 -9.35 -11.16 19.24
N VAL A 90 -8.43 -10.28 18.93
CA VAL A 90 -7.60 -10.39 17.74
C VAL A 90 -6.14 -10.33 18.15
N SER A 91 -5.32 -11.24 17.64
CA SER A 91 -3.86 -11.22 17.84
C SER A 91 -3.13 -11.27 16.50
N ILE A 92 -1.83 -10.89 16.52
CA ILE A 92 -0.94 -11.06 15.38
C ILE A 92 0.23 -11.90 15.89
N PRO A 93 0.25 -13.22 15.57
CA PRO A 93 1.25 -14.09 16.17
C PRO A 93 2.71 -13.66 15.92
N HIS A 94 3.00 -13.10 14.75
CA HIS A 94 4.33 -12.57 14.47
C HIS A 94 4.25 -11.05 14.50
N GLY A 95 3.70 -10.54 15.60
CA GLY A 95 3.51 -9.12 15.86
C GLY A 95 3.71 -8.92 17.35
N PRO A 96 3.19 -7.83 17.93
CA PRO A 96 3.33 -7.63 19.37
C PRO A 96 2.58 -8.70 20.19
N ASN A 97 3.11 -9.04 21.36
CA ASN A 97 2.50 -10.06 22.25
C ASN A 97 1.34 -9.49 23.07
N VAL A 98 0.32 -9.02 22.36
CA VAL A 98 -0.87 -8.43 22.92
C VAL A 98 -2.11 -9.03 22.24
N THR A 99 -3.27 -8.88 22.86
CA THR A 99 -4.55 -9.26 22.29
C THR A 99 -5.48 -8.09 22.49
N VAL A 100 -6.18 -7.66 21.44
CA VAL A 100 -7.17 -6.57 21.57
C VAL A 100 -8.57 -6.95 21.11
N ARG A 101 -9.56 -6.23 21.62
CA ARG A 101 -10.91 -6.41 21.15
C ARG A 101 -11.11 -5.41 20.04
N ALA A 102 -11.43 -5.93 18.87
CA ALA A 102 -11.49 -5.11 17.68
C ALA A 102 -12.80 -5.37 16.98
N ASN A 103 -13.27 -4.37 16.23
CA ASN A 103 -14.34 -4.59 15.27
C ASN A 103 -13.90 -5.52 14.13
N ILE A 104 -14.84 -6.38 13.70
CA ILE A 104 -14.61 -7.36 12.64
C ILE A 104 -15.91 -7.40 11.84
N ALA A 105 -15.78 -7.27 10.52
CA ALA A 105 -16.89 -7.46 9.62
C ALA A 105 -16.83 -8.88 9.08
N ALA A 106 -17.77 -9.72 9.54
CA ALA A 106 -17.86 -11.09 9.08
C ALA A 106 -18.52 -11.07 7.70
N ILE A 107 -17.72 -11.33 6.66
CA ILE A 107 -18.21 -11.29 5.29
C ILE A 107 -19.08 -12.53 4.99
N THR A 108 -20.34 -12.25 4.66
CA THR A 108 -21.33 -13.30 4.44
C THR A 108 -21.70 -13.44 2.96
N GLU A 109 -21.38 -12.42 2.17
CA GLU A 109 -21.65 -12.42 0.74
C GLU A 109 -20.66 -11.47 0.07
N SER A 110 -20.05 -11.86 -1.05
CA SER A 110 -19.11 -10.98 -1.73
C SER A 110 -19.07 -11.27 -3.22
N ASP A 111 -18.62 -10.29 -3.99
CA ASP A 111 -18.53 -10.44 -5.44
C ASP A 111 -17.23 -9.79 -5.90
N LYS A 112 -16.39 -10.56 -6.58
CA LYS A 112 -15.11 -10.05 -7.11
C LYS A 112 -14.19 -9.49 -6.02
N PHE A 113 -14.25 -10.08 -4.83
CA PHE A 113 -13.46 -9.63 -3.70
C PHE A 113 -12.35 -10.64 -3.43
N PHE A 114 -12.73 -11.87 -3.09
CA PHE A 114 -11.78 -12.97 -2.92
C PHE A 114 -11.17 -13.39 -4.27
N ILE A 115 -9.91 -13.77 -4.26
CA ILE A 115 -9.21 -14.16 -5.48
C ILE A 115 -9.10 -15.67 -5.52
N ASN A 116 -9.51 -16.26 -6.64
CA ASN A 116 -9.33 -17.70 -6.86
C ASN A 116 -7.86 -18.09 -6.97
N GLY A 117 -7.37 -18.90 -6.04
CA GLY A 117 -5.97 -19.27 -6.01
C GLY A 117 -5.10 -18.50 -5.03
N SER A 118 -5.69 -17.52 -4.34
CA SER A 118 -4.92 -16.74 -3.37
C SER A 118 -4.93 -17.42 -1.99
N ASN A 119 -4.00 -17.00 -1.13
CA ASN A 119 -3.86 -17.60 0.20
C ASN A 119 -4.25 -16.65 1.35
N TRP A 120 -5.10 -15.67 1.06
CA TRP A 120 -5.66 -14.81 2.10
C TRP A 120 -7.18 -14.77 2.11
N GLU A 121 -7.76 -14.44 3.27
CA GLU A 121 -9.20 -14.68 3.56
C GLU A 121 -9.87 -13.44 4.11
N GLY A 122 -9.12 -12.35 4.24
CA GLY A 122 -9.70 -11.11 4.69
C GLY A 122 -8.75 -9.97 4.48
N ILE A 123 -9.16 -8.79 4.93
N ILE A 123 -9.16 -8.79 4.94
CA ILE A 123 -8.42 -7.58 4.70
CA ILE A 123 -8.43 -7.54 4.71
C ILE A 123 -8.28 -6.80 6.02
C ILE A 123 -8.31 -6.73 5.99
N LEU A 124 -7.10 -6.22 6.24
CA LEU A 124 -6.84 -5.38 7.38
C LEU A 124 -6.67 -3.92 6.94
N GLY A 125 -7.73 -3.13 7.10
CA GLY A 125 -7.67 -1.73 6.69
C GLY A 125 -6.93 -0.91 7.75
N LEU A 126 -5.79 -0.32 7.39
CA LEU A 126 -4.92 0.33 8.37
C LEU A 126 -5.02 1.83 8.36
N ALA A 127 -5.93 2.38 7.54
CA ALA A 127 -6.15 3.82 7.46
C ALA A 127 -7.11 4.29 8.56
N TYR A 128 -7.59 5.53 8.44
CA TYR A 128 -8.26 6.18 9.56
C TYR A 128 -9.77 6.04 9.56
N ALA A 129 -10.38 6.30 10.73
CA ALA A 129 -11.82 6.16 10.97
C ALA A 129 -12.69 6.88 9.96
N GLU A 130 -12.21 8.00 9.45
CA GLU A 130 -12.94 8.84 8.49
C GLU A 130 -13.49 8.06 7.33
N ILE A 131 -12.71 7.09 6.82
CA ILE A 131 -13.18 6.28 5.68
C ILE A 131 -13.64 4.84 6.03
N ALA A 132 -13.91 4.59 7.32
CA ALA A 132 -14.43 3.31 7.76
C ALA A 132 -15.91 3.18 7.32
N ARG A 133 -16.36 1.94 7.07
CA ARG A 133 -17.77 1.67 6.74
C ARG A 133 -18.38 0.95 7.91
N PRO A 134 -19.64 1.31 8.27
CA PRO A 134 -20.55 2.21 7.56
C PRO A 134 -20.29 3.69 7.82
N ASP A 135 -19.66 4.00 8.95
CA ASP A 135 -19.26 5.37 9.25
C ASP A 135 -18.06 5.45 10.18
N ASP A 136 -17.62 6.68 10.45
CA ASP A 136 -16.43 6.94 11.24
C ASP A 136 -16.52 6.58 12.72
N SER A 137 -17.65 6.02 13.17
CA SER A 137 -17.75 5.51 14.55
C SER A 137 -17.30 4.06 14.70
N LEU A 138 -17.13 3.36 13.57
CA LEU A 138 -16.57 2.01 13.65
C LEU A 138 -15.05 2.09 13.70
N GLU A 139 -14.53 1.92 14.92
CA GLU A 139 -13.11 2.09 15.22
C GLU A 139 -12.24 1.03 14.49
N PRO A 140 -11.29 1.52 13.64
CA PRO A 140 -10.37 0.65 12.90
C PRO A 140 -9.47 -0.13 13.83
N PHE A 141 -8.95 -1.25 13.35
CA PHE A 141 -8.11 -2.12 14.14
C PHE A 141 -6.95 -1.41 14.86
N PHE A 142 -6.21 -0.56 14.12
CA PHE A 142 -4.98 0.01 14.68
C PHE A 142 -5.30 0.97 15.82
N ASP A 143 -6.37 1.75 15.65
CA ASP A 143 -6.92 2.62 16.68
C ASP A 143 -7.26 1.83 17.96
N SER A 144 -7.90 0.66 17.82
CA SER A 144 -8.23 -0.19 18.98
C SER A 144 -6.96 -0.69 19.59
N LEU A 145 -6.00 -1.06 18.76
CA LEU A 145 -4.74 -1.60 19.23
C LEU A 145 -4.03 -0.59 20.15
N VAL A 146 -4.06 0.67 19.72
CA VAL A 146 -3.32 1.72 20.42
C VAL A 146 -4.09 2.15 21.65
N LYS A 147 -5.42 2.28 21.52
CA LYS A 147 -6.26 2.57 22.65
C LYS A 147 -6.11 1.60 23.81
N GLN A 148 -5.94 0.31 23.51
CA GLN A 148 -6.04 -0.77 24.50
C GLN A 148 -4.74 -1.32 25.03
N THR A 149 -3.63 -0.99 24.38
CA THR A 149 -2.33 -1.52 24.81
C THR A 149 -1.29 -0.41 24.87
N HIS A 150 -0.04 -0.80 25.13
CA HIS A 150 1.08 0.14 25.15
C HIS A 150 1.79 0.23 23.80
N VAL A 151 1.24 -0.42 22.77
CA VAL A 151 1.85 -0.38 21.43
C VAL A 151 1.95 1.06 20.91
N PRO A 152 3.18 1.54 20.62
CA PRO A 152 3.27 2.92 20.13
C PRO A 152 2.46 3.14 18.83
N ASN A 153 1.94 4.35 18.67
CA ASN A 153 1.09 4.69 17.55
C ASN A 153 1.86 4.89 16.22
N LEU A 154 2.45 3.81 15.73
CA LEU A 154 3.02 3.79 14.39
C LEU A 154 3.30 2.38 13.90
N PHE A 155 3.34 2.22 12.58
CA PHE A 155 3.79 0.98 12.02
C PHE A 155 4.62 1.21 10.78
N SER A 156 5.39 0.23 10.38
CA SER A 156 6.14 0.38 9.14
C SER A 156 6.01 -0.87 8.28
N LEU A 157 6.24 -0.71 6.98
CA LEU A 157 6.03 -1.75 5.99
C LEU A 157 7.23 -1.82 5.08
N GLN A 158 7.79 -3.02 4.95
CA GLN A 158 8.76 -3.31 3.92
C GLN A 158 8.14 -4.35 2.98
N LEU A 159 7.72 -3.92 1.79
CA LEU A 159 7.15 -4.83 0.82
C LEU A 159 8.28 -5.26 -0.10
N CYS A 160 8.53 -6.57 -0.19
CA CYS A 160 9.63 -7.08 -1.00
C CYS A 160 9.09 -7.76 -2.26
N GLY A 161 9.26 -7.13 -3.41
CA GLY A 161 8.67 -7.63 -4.66
C GLY A 161 9.51 -8.68 -5.37
N SER A 174 5.64 -16.33 -3.85
CA SER A 174 6.79 -15.64 -4.40
C SER A 174 7.24 -14.38 -3.58
N VAL A 175 6.32 -13.48 -3.24
CA VAL A 175 6.68 -12.23 -2.50
C VAL A 175 6.69 -12.34 -0.96
N GLY A 176 7.25 -11.32 -0.30
CA GLY A 176 7.39 -11.35 1.16
C GLY A 176 7.66 -9.97 1.72
N GLY A 177 7.97 -9.88 2.99
CA GLY A 177 8.24 -8.58 3.59
C GLY A 177 7.99 -8.55 5.08
N SER A 178 7.98 -7.33 5.63
CA SER A 178 7.83 -7.13 7.06
C SER A 178 6.83 -6.04 7.38
N MET A 179 5.99 -6.34 8.36
CA MET A 179 5.15 -5.34 8.99
C MET A 179 5.59 -5.17 10.42
N ILE A 180 6.23 -4.04 10.71
CA ILE A 180 6.63 -3.75 12.09
C ILE A 180 5.57 -2.90 12.76
N ILE A 181 4.89 -3.52 13.72
CA ILE A 181 3.81 -2.87 14.45
C ILE A 181 4.42 -2.27 15.71
N GLY A 182 4.24 -0.97 15.90
CA GLY A 182 4.70 -0.26 17.07
C GLY A 182 6.13 0.26 17.03
N GLY A 183 6.77 0.23 15.85
CA GLY A 183 8.16 0.72 15.74
C GLY A 183 8.82 0.60 14.37
N ILE A 184 10.15 0.71 14.36
CA ILE A 184 10.94 0.67 13.14
C ILE A 184 12.03 -0.36 13.37
N ASP A 185 12.38 -1.12 12.34
CA ASP A 185 13.55 -1.98 12.42
C ASP A 185 14.60 -1.48 11.43
N HIS A 186 15.70 -0.98 12.00
CA HIS A 186 16.71 -0.27 11.23
C HIS A 186 17.47 -1.19 10.27
N SER A 187 17.47 -2.50 10.51
CA SER A 187 18.02 -3.44 9.53
C SER A 187 17.29 -3.42 8.18
N LEU A 188 16.07 -2.91 8.15
CA LEU A 188 15.25 -3.07 6.95
C LEU A 188 15.43 -1.98 5.89
N TYR A 189 16.30 -1.01 6.18
CA TYR A 189 16.56 0.04 5.21
C TYR A 189 18.00 0.56 5.30
N THR A 190 18.46 1.16 4.21
CA THR A 190 19.76 1.86 4.17
C THR A 190 19.57 3.38 4.10
N GLY A 191 20.62 4.12 4.46
CA GLY A 191 20.60 5.58 4.52
C GLY A 191 19.62 6.14 5.53
N SER A 192 19.12 7.35 5.30
CA SER A 192 18.23 8.00 6.25
C SER A 192 16.75 7.91 5.85
N LEU A 193 15.87 7.87 6.85
CA LEU A 193 14.45 8.17 6.63
C LEU A 193 14.26 9.64 6.36
N TRP A 194 13.34 9.92 5.44
CA TRP A 194 12.90 11.27 5.12
C TRP A 194 11.39 11.28 5.24
N TYR A 195 10.83 12.29 5.88
CA TYR A 195 9.41 12.32 6.22
C TYR A 195 8.65 13.37 5.45
N THR A 196 7.42 13.00 5.06
CA THR A 196 6.46 13.88 4.40
C THR A 196 5.21 13.96 5.32
N PRO A 197 4.59 15.14 5.44
CA PRO A 197 3.42 15.23 6.31
C PRO A 197 2.22 14.43 5.78
N ILE A 198 1.44 13.86 6.69
CA ILE A 198 0.14 13.31 6.33
C ILE A 198 -0.76 14.53 6.31
N ARG A 199 -1.22 14.92 5.14
CA ARG A 199 -2.02 16.14 4.98
C ARG A 199 -3.29 16.09 5.83
N ARG A 200 -3.93 14.93 5.84
CA ARG A 200 -5.16 14.75 6.62
C ARG A 200 -5.35 13.27 6.88
N GLU A 201 -5.83 12.97 8.08
CA GLU A 201 -6.04 11.62 8.56
C GLU A 201 -7.35 11.02 8.06
N TRP A 202 -7.33 10.57 6.82
CA TRP A 202 -8.44 9.78 6.29
C TRP A 202 -7.82 8.58 5.58
N TYR A 203 -7.48 8.69 4.30
CA TYR A 203 -6.45 7.87 3.72
C TYR A 203 -5.09 8.41 4.29
N TYR A 204 -3.99 7.74 3.99
CA TYR A 204 -2.66 8.31 4.28
C TYR A 204 -2.31 9.27 3.15
N GLU A 205 -2.89 10.46 3.23
CA GLU A 205 -2.76 11.43 2.18
C GLU A 205 -1.46 12.25 2.30
N VAL A 206 -0.77 12.39 1.18
CA VAL A 206 0.48 13.15 1.10
C VAL A 206 0.36 14.17 -0.04
N ILE A 207 1.40 15.00 -0.19
CA ILE A 207 1.46 15.99 -1.26
C ILE A 207 2.72 15.82 -2.10
N ILE A 208 2.52 15.59 -3.40
CA ILE A 208 3.62 15.49 -4.35
C ILE A 208 3.84 16.88 -4.96
N VAL A 209 5.10 17.31 -5.05
CA VAL A 209 5.35 18.70 -5.39
C VAL A 209 6.09 18.83 -6.71
N ARG A 210 6.64 17.71 -7.16
CA ARG A 210 7.38 17.67 -8.40
C ARG A 210 7.47 16.23 -8.90
N VAL A 211 7.44 16.07 -10.22
CA VAL A 211 7.59 14.77 -10.88
C VAL A 211 8.58 14.86 -12.03
N GLU A 212 9.58 13.98 -11.97
CA GLU A 212 10.54 13.82 -13.05
C GLU A 212 10.56 12.39 -13.64
N ILE A 213 10.58 12.32 -14.97
CA ILE A 213 10.92 11.08 -15.66
C ILE A 213 12.37 11.22 -16.12
N ASN A 214 13.27 10.35 -15.65
CA ASN A 214 14.70 10.43 -15.95
C ASN A 214 15.35 11.81 -15.78
N GLY A 215 14.97 12.56 -14.76
CA GLY A 215 15.53 13.90 -14.54
C GLY A 215 14.70 14.99 -15.20
N GLN A 216 13.80 14.60 -16.09
CA GLN A 216 13.00 15.56 -16.81
C GLN A 216 11.72 15.89 -16.07
N ASP A 217 11.71 17.10 -15.53
CA ASP A 217 10.54 17.69 -14.89
C ASP A 217 9.35 17.67 -15.85
N LEU A 218 8.20 17.19 -15.38
CA LEU A 218 6.99 17.23 -16.18
C LEU A 218 6.52 18.66 -16.30
N LYS A 219 6.93 19.49 -15.35
CA LYS A 219 6.66 20.94 -15.37
C LYS A 219 5.17 21.26 -15.42
N MET A 220 4.35 20.37 -14.88
CA MET A 220 2.94 20.66 -14.75
C MET A 220 2.70 21.50 -13.51
N ASP A 221 1.55 22.15 -13.45
CA ASP A 221 1.09 22.79 -12.24
C ASP A 221 0.99 21.67 -11.19
N CYS A 222 1.73 21.80 -10.10
CA CYS A 222 1.86 20.71 -9.12
C CYS A 222 0.52 20.28 -8.50
N LYS A 223 -0.47 21.16 -8.55
CA LYS A 223 -1.86 20.83 -8.16
C LYS A 223 -2.36 19.60 -8.90
N GLU A 224 -1.89 19.42 -10.13
CA GLU A 224 -2.30 18.32 -11.01
C GLU A 224 -1.82 16.97 -10.50
N TYR A 225 -0.74 16.97 -9.71
CA TYR A 225 -0.17 15.75 -9.17
C TYR A 225 -1.01 15.18 -8.02
N ASN A 226 -1.87 16.02 -7.46
CA ASN A 226 -2.64 15.66 -6.28
C ASN A 226 -4.14 15.91 -6.48
N TYR A 227 -4.59 15.79 -7.72
CA TYR A 227 -6.00 15.95 -8.11
C TYR A 227 -6.71 14.58 -8.18
N ASP A 228 -7.64 14.30 -7.27
CA ASP A 228 -8.07 15.17 -6.16
C ASP A 228 -7.31 14.91 -4.86
N LYS A 229 -6.39 13.94 -4.89
CA LYS A 229 -5.59 13.55 -3.71
C LYS A 229 -4.43 12.63 -4.12
N SER A 230 -3.49 12.40 -3.20
CA SER A 230 -2.39 11.45 -3.43
C SER A 230 -2.28 10.67 -2.15
N ILE A 231 -2.18 9.35 -2.23
CA ILE A 231 -2.26 8.52 -1.01
C ILE A 231 -1.25 7.42 -1.09
N VAL A 232 -0.85 6.89 0.05
CA VAL A 232 0.11 5.79 0.04
C VAL A 232 -0.72 4.56 0.35
N ASP A 233 -0.70 3.54 -0.51
CA ASP A 233 -1.72 2.44 -0.45
C ASP A 233 -1.16 1.04 -0.72
N SER A 234 -0.88 0.27 0.32
CA SER A 234 -0.39 -1.11 0.16
C SER A 234 -1.42 -2.10 -0.46
N GLY A 235 -2.68 -1.69 -0.54
CA GLY A 235 -3.73 -2.55 -1.13
C GLY A 235 -4.01 -2.27 -2.59
N THR A 236 -3.12 -1.54 -3.26
CA THR A 236 -3.17 -1.31 -4.71
C THR A 236 -1.84 -1.72 -5.32
N THR A 237 -1.88 -2.40 -6.46
CA THR A 237 -0.66 -2.79 -7.16
C THR A 237 0.06 -1.58 -7.80
N ASN A 238 -0.69 -0.84 -8.62
CA ASN A 238 -0.12 0.15 -9.52
C ASN A 238 0.31 1.45 -8.87
N LEU A 239 1.24 2.14 -9.50
CA LEU A 239 1.33 3.58 -9.33
C LEU A 239 0.25 4.22 -10.18
N ARG A 240 -0.77 4.76 -9.55
CA ARG A 240 -1.83 5.39 -10.32
C ARG A 240 -1.71 6.92 -10.29
N LEU A 241 -1.86 7.53 -11.47
CA LEU A 241 -1.70 9.00 -11.67
C LEU A 241 -2.98 9.69 -12.17
N PRO A 242 -3.20 10.94 -11.76
CA PRO A 242 -4.36 11.63 -12.33
C PRO A 242 -4.29 11.57 -13.87
N LYS A 243 -5.44 11.46 -14.53
CA LYS A 243 -5.47 11.24 -15.99
C LYS A 243 -4.56 12.27 -16.67
N LYS A 244 -4.80 13.55 -16.35
CA LYS A 244 -4.06 14.64 -17.00
C LYS A 244 -2.56 14.39 -16.83
N VAL A 245 -2.16 14.00 -15.61
CA VAL A 245 -0.76 13.71 -15.28
C VAL A 245 -0.26 12.43 -15.90
N PHE A 246 -1.08 11.37 -15.87
CA PHE A 246 -0.73 10.14 -16.59
C PHE A 246 -0.44 10.41 -18.06
N GLU A 247 -1.31 11.21 -18.70
CA GLU A 247 -1.13 11.50 -20.14
C GLU A 247 0.25 12.09 -20.40
N ALA A 248 0.64 13.09 -19.61
CA ALA A 248 1.99 13.67 -19.68
C ALA A 248 3.05 12.63 -19.32
N ALA A 249 2.76 11.83 -18.31
CA ALA A 249 3.72 10.83 -17.82
C ALA A 249 4.08 9.78 -18.88
N VAL A 250 3.08 9.07 -19.43
CA VAL A 250 3.41 8.06 -20.49
C VAL A 250 4.06 8.70 -21.70
N ALA A 251 3.55 9.87 -22.10
CA ALA A 251 4.10 10.57 -23.27
C ALA A 251 5.63 10.68 -23.14
N SER A 252 6.10 11.14 -21.99
CA SER A 252 7.55 11.20 -21.68
C SER A 252 8.26 9.84 -21.52
N ILE A 253 7.52 8.83 -21.05
CA ILE A 253 8.12 7.50 -20.87
C ILE A 253 8.24 6.79 -22.22
N LYS A 254 7.17 6.89 -23.02
CA LYS A 254 7.16 6.38 -24.41
C LYS A 254 8.31 6.99 -25.20
N ALA A 255 8.42 8.32 -25.15
CA ALA A 255 9.50 9.05 -25.84
C ALA A 255 10.88 8.62 -25.33
N ALA A 256 11.00 8.41 -24.02
CA ALA A 256 12.25 7.97 -23.40
C ALA A 256 12.64 6.55 -23.81
N SER A 257 11.64 5.75 -24.18
CA SER A 257 11.81 4.33 -24.51
C SER A 257 11.55 4.03 -25.99
N SER A 258 11.48 5.08 -26.81
CA SER A 258 11.19 4.97 -28.25
C SER A 258 12.26 4.19 -29.02
N THR A 259 13.44 4.01 -28.41
CA THR A 259 14.53 3.18 -28.94
C THR A 259 14.02 1.84 -29.52
N GLU A 260 13.41 0.99 -28.69
CA GLU A 260 12.66 -0.18 -29.15
C GLU A 260 11.17 0.15 -29.12
N LYS A 261 10.32 -0.79 -29.53
CA LYS A 261 8.87 -0.51 -29.56
C LYS A 261 7.94 -1.63 -29.11
N PHE A 262 6.79 -1.21 -28.62
CA PHE A 262 5.78 -2.07 -28.02
C PHE A 262 4.45 -1.45 -28.46
N PRO A 263 3.37 -2.25 -28.49
CA PRO A 263 2.09 -1.72 -28.96
C PRO A 263 1.50 -0.64 -28.03
N ASP A 264 0.58 0.17 -28.56
CA ASP A 264 -0.07 1.24 -27.79
C ASP A 264 -1.03 0.73 -26.72
N GLY A 265 -1.45 -0.53 -26.84
CA GLY A 265 -2.28 -1.19 -25.83
C GLY A 265 -1.52 -1.42 -24.53
N PHE A 266 -0.23 -1.71 -24.66
CA PHE A 266 0.67 -1.93 -23.53
C PHE A 266 0.58 -0.80 -22.50
N TRP A 267 0.76 0.42 -22.99
CA TRP A 267 0.79 1.61 -22.13
C TRP A 267 -0.57 1.92 -21.46
N LEU A 268 -1.66 1.45 -22.05
CA LEU A 268 -2.99 1.57 -21.40
C LEU A 268 -3.32 0.37 -20.51
N GLY A 269 -2.35 -0.52 -20.32
CA GLY A 269 -2.52 -1.73 -19.53
C GLY A 269 -3.51 -2.73 -20.14
N GLU A 270 -3.69 -2.64 -21.46
CA GLU A 270 -4.69 -3.41 -22.20
C GLU A 270 -4.13 -4.70 -22.76
N GLN A 271 -2.80 -4.81 -22.78
CA GLN A 271 -2.12 -6.04 -23.17
C GLN A 271 -0.74 -6.08 -22.54
N LEU A 272 -0.19 -7.30 -22.40
CA LEU A 272 1.13 -7.51 -21.87
C LEU A 272 2.16 -7.29 -22.95
N VAL A 273 3.41 -7.11 -22.54
CA VAL A 273 4.53 -7.18 -23.48
C VAL A 273 5.48 -8.27 -23.02
N CYS A 274 6.15 -8.91 -23.97
CA CYS A 274 7.00 -10.05 -23.64
C CYS A 274 8.39 -9.95 -24.25
N TRP A 275 9.37 -10.38 -23.48
CA TRP A 275 10.71 -10.59 -23.99
C TRP A 275 11.11 -11.99 -23.60
N GLN A 276 12.11 -12.52 -24.28
CA GLN A 276 12.68 -13.79 -23.90
C GLN A 276 13.60 -13.58 -22.68
N ALA A 277 13.68 -14.61 -21.83
CA ALA A 277 14.30 -14.54 -20.52
C ALA A 277 15.79 -14.21 -20.53
N GLY A 278 16.28 -13.71 -19.40
CA GLY A 278 17.68 -13.29 -19.25
C GLY A 278 17.96 -11.95 -19.91
N THR A 279 16.98 -11.48 -20.70
CA THR A 279 17.13 -10.30 -21.57
C THR A 279 15.90 -9.39 -21.65
N THR A 280 15.47 -8.87 -20.48
CA THR A 280 14.53 -7.75 -20.45
C THR A 280 15.36 -6.47 -20.60
N PRO A 281 15.00 -5.60 -21.57
CA PRO A 281 15.73 -4.35 -21.79
C PRO A 281 15.41 -3.26 -20.74
N TRP A 282 15.95 -3.40 -19.52
CA TRP A 282 15.64 -2.47 -18.42
C TRP A 282 16.04 -1.03 -18.74
N ASN A 283 17.25 -0.88 -19.29
CA ASN A 283 17.88 0.43 -19.47
C ASN A 283 17.19 1.41 -20.44
N ILE A 284 16.43 0.90 -21.41
CA ILE A 284 15.65 1.77 -22.29
C ILE A 284 14.46 2.42 -21.53
N PHE A 285 14.20 1.92 -20.32
CA PHE A 285 13.14 2.47 -19.46
C PHE A 285 13.69 3.47 -18.42
N PRO A 286 13.02 4.64 -18.32
CA PRO A 286 13.43 5.70 -17.39
C PRO A 286 13.05 5.41 -15.93
N VAL A 287 13.75 6.09 -15.03
CA VAL A 287 13.42 6.13 -13.61
C VAL A 287 12.33 7.18 -13.39
N ILE A 288 11.58 7.05 -12.30
CA ILE A 288 10.51 7.99 -12.02
C ILE A 288 10.78 8.56 -10.64
N SER A 289 10.80 9.89 -10.55
CA SER A 289 11.04 10.58 -9.30
C SER A 289 9.83 11.39 -8.89
N LEU A 290 9.38 11.15 -7.67
CA LEU A 290 8.37 11.95 -7.05
C LEU A 290 9.06 12.73 -5.95
N TYR A 291 8.89 14.04 -5.97
CA TYR A 291 9.34 14.86 -4.89
C TYR A 291 8.17 15.04 -3.99
N LEU A 292 8.41 14.86 -2.70
CA LEU A 292 7.36 14.95 -1.73
C LEU A 292 7.58 16.16 -0.83
N MET A 293 6.48 16.80 -0.42
CA MET A 293 6.52 17.86 0.55
C MET A 293 7.32 17.42 1.78
N GLY A 294 8.24 18.27 2.25
CA GLY A 294 9.10 17.91 3.38
C GLY A 294 8.56 18.39 4.72
N GLU A 295 9.32 18.20 5.77
CA GLU A 295 8.90 18.59 7.11
C GLU A 295 9.10 20.08 7.37
N VAL A 296 9.97 20.73 6.62
CA VAL A 296 10.32 22.13 6.86
C VAL A 296 9.77 23.03 5.75
N THR A 297 9.42 24.26 6.09
CA THR A 297 8.98 25.24 5.06
C THR A 297 9.94 25.30 3.90
N ASN A 298 9.41 25.24 2.67
CA ASN A 298 10.17 25.32 1.43
C ASN A 298 11.17 24.16 1.20
N GLN A 299 11.00 23.03 1.90
CA GLN A 299 11.93 21.88 1.82
C GLN A 299 11.21 20.63 1.36
N SER A 300 11.79 19.95 0.36
CA SER A 300 11.24 18.70 -0.11
C SER A 300 12.33 17.65 -0.17
N PHE A 301 11.96 16.43 -0.55
CA PHE A 301 12.92 15.37 -0.78
C PHE A 301 12.35 14.56 -1.94
N ARG A 302 13.14 13.66 -2.52
CA ARG A 302 12.61 12.88 -3.63
C ARG A 302 12.87 11.39 -3.46
N ILE A 303 11.93 10.61 -3.95
CA ILE A 303 12.04 9.17 -3.94
C ILE A 303 12.12 8.77 -5.41
N THR A 304 12.91 7.75 -5.72
CA THR A 304 13.14 7.33 -7.11
C THR A 304 12.93 5.83 -7.28
N ILE A 305 12.09 5.45 -8.23
CA ILE A 305 11.83 4.02 -8.55
C ILE A 305 12.29 3.64 -9.96
N LEU A 306 12.26 2.33 -10.23
CA LEU A 306 12.81 1.70 -11.44
C LEU A 306 11.75 0.97 -12.26
N PRO A 307 12.06 0.59 -13.53
CA PRO A 307 11.11 -0.24 -14.29
C PRO A 307 10.82 -1.57 -13.59
N GLN A 308 11.81 -2.06 -12.83
CA GLN A 308 11.65 -3.22 -11.94
C GLN A 308 10.39 -3.12 -11.11
N GLN A 309 10.10 -1.90 -10.66
CA GLN A 309 8.89 -1.62 -9.90
C GLN A 309 7.67 -1.47 -10.78
N TYR A 310 7.78 -0.72 -11.89
CA TYR A 310 6.58 -0.42 -12.68
C TYR A 310 6.28 -1.36 -13.87
N LEU A 311 7.22 -2.25 -14.18
CA LEU A 311 6.98 -3.35 -15.13
C LEU A 311 6.89 -4.66 -14.36
N ARG A 312 5.67 -5.14 -14.18
CA ARG A 312 5.46 -6.23 -13.24
C ARG A 312 5.37 -7.58 -13.95
N PRO A 313 6.11 -8.59 -13.45
CA PRO A 313 6.08 -9.94 -13.98
C PRO A 313 4.68 -10.58 -13.90
N VAL A 314 4.27 -11.25 -14.98
CA VAL A 314 3.08 -12.10 -14.94
C VAL A 314 3.47 -13.50 -15.43
N GLU A 315 3.03 -14.55 -14.71
CA GLU A 315 3.28 -15.95 -15.13
C GLU A 315 2.17 -16.90 -14.70
N ASP A 323 9.25 -14.16 -20.49
CA ASP A 323 9.21 -13.06 -19.53
C ASP A 323 8.20 -12.01 -19.98
N CYS A 324 6.98 -12.12 -19.47
CA CYS A 324 5.89 -11.20 -19.84
C CYS A 324 5.52 -10.27 -18.69
N TYR A 325 5.28 -9.01 -19.04
CA TYR A 325 5.16 -7.93 -18.06
C TYR A 325 3.92 -7.09 -18.33
N LYS A 326 3.38 -6.51 -17.26
CA LYS A 326 2.32 -5.55 -17.39
C LYS A 326 2.94 -4.18 -17.08
N PHE A 327 2.45 -3.15 -17.76
CA PHE A 327 2.82 -1.79 -17.42
C PHE A 327 1.95 -1.37 -16.25
N ALA A 328 2.63 -1.05 -15.14
CA ALA A 328 1.95 -0.86 -13.86
C ALA A 328 1.88 0.62 -13.42
N ILE A 329 1.72 1.50 -14.41
CA ILE A 329 1.31 2.87 -14.16
C ILE A 329 0.01 3.13 -14.91
N SER A 330 -0.95 3.75 -14.24
CA SER A 330 -2.26 3.86 -14.84
C SER A 330 -2.97 5.13 -14.41
N GLN A 331 -3.92 5.53 -15.20
CA GLN A 331 -4.63 6.77 -14.94
C GLN A 331 -5.68 6.58 -13.85
N SER A 332 -6.12 7.68 -13.28
CA SER A 332 -6.95 7.62 -12.12
C SER A 332 -7.97 8.74 -12.16
N SER A 333 -9.11 8.50 -11.53
CA SER A 333 -10.10 9.54 -11.33
C SER A 333 -10.19 9.80 -9.85
N THR A 334 -9.37 9.07 -9.10
CA THR A 334 -9.38 9.15 -7.64
C THR A 334 -8.11 9.79 -7.08
N GLY A 335 -7.25 10.28 -7.99
CA GLY A 335 -6.01 10.95 -7.62
C GLY A 335 -4.81 10.03 -7.72
N THR A 336 -3.68 10.46 -7.17
CA THR A 336 -2.49 9.62 -7.16
C THR A 336 -2.60 8.49 -6.12
N VAL A 337 -2.17 7.31 -6.51
CA VAL A 337 -2.13 6.17 -5.59
C VAL A 337 -0.75 5.59 -5.70
N MET A 338 0.05 5.73 -4.64
CA MET A 338 1.36 5.11 -4.60
C MET A 338 1.14 3.71 -4.02
N GLY A 339 0.92 2.74 -4.91
CA GLY A 339 0.68 1.36 -4.49
C GLY A 339 1.97 0.59 -4.33
N ALA A 340 1.86 -0.73 -4.49
CA ALA A 340 3.01 -1.61 -4.42
C ALA A 340 4.16 -1.22 -5.36
N VAL A 341 3.86 -0.67 -6.54
CA VAL A 341 4.89 -0.16 -7.48
C VAL A 341 5.88 0.79 -6.77
N ILE A 342 5.35 1.74 -6.01
CA ILE A 342 6.18 2.63 -5.19
C ILE A 342 6.76 1.94 -3.92
N MET A 343 5.89 1.34 -3.11
CA MET A 343 6.31 0.88 -1.79
C MET A 343 7.37 -0.21 -1.85
N GLU A 344 7.37 -0.98 -2.93
CA GLU A 344 8.37 -2.01 -3.12
C GLU A 344 9.81 -1.49 -3.20
N GLY A 345 9.99 -0.19 -3.42
CA GLY A 345 11.35 0.37 -3.46
C GLY A 345 11.80 0.81 -2.07
N PHE A 346 10.85 0.90 -1.14
CA PHE A 346 11.10 1.63 0.12
C PHE A 346 10.63 0.96 1.39
N TYR A 347 11.32 1.28 2.48
CA TYR A 347 10.80 1.05 3.81
C TYR A 347 9.92 2.25 4.11
N VAL A 348 8.67 2.03 4.48
CA VAL A 348 7.71 3.14 4.61
C VAL A 348 7.23 3.10 6.06
N VAL A 349 7.38 4.24 6.74
CA VAL A 349 7.06 4.37 8.15
C VAL A 349 5.81 5.19 8.28
N PHE A 350 4.77 4.57 8.82
CA PHE A 350 3.49 5.26 8.97
C PHE A 350 3.47 5.80 10.38
N ASP A 351 4.07 6.98 10.52
CA ASP A 351 4.29 7.59 11.82
C ASP A 351 3.03 8.34 12.23
N ARG A 352 1.99 7.61 12.61
CA ARG A 352 0.71 8.19 13.00
C ARG A 352 0.88 9.22 14.14
N ALA A 353 1.73 8.92 15.10
CA ALA A 353 1.90 9.78 16.29
C ALA A 353 2.34 11.19 15.91
N ARG A 354 3.13 11.31 14.84
CA ARG A 354 3.61 12.61 14.39
C ARG A 354 2.99 13.07 13.07
N LYS A 355 1.91 12.39 12.68
CA LYS A 355 1.21 12.65 11.43
C LYS A 355 2.20 12.83 10.28
N ARG A 356 2.99 11.81 10.02
CA ARG A 356 3.97 11.86 8.93
C ARG A 356 4.34 10.49 8.42
N ILE A 357 4.84 10.46 7.19
N ILE A 357 4.82 10.45 7.19
CA ILE A 357 5.22 9.22 6.51
CA ILE A 357 5.22 9.20 6.55
C ILE A 357 6.71 9.28 6.17
C ILE A 357 6.69 9.27 6.17
N GLY A 358 7.46 8.28 6.63
CA GLY A 358 8.90 8.25 6.37
C GLY A 358 9.20 7.30 5.25
N PHE A 359 10.16 7.67 4.41
CA PHE A 359 10.64 6.78 3.37
C PHE A 359 12.13 6.63 3.50
N ALA A 360 12.60 5.40 3.33
CA ALA A 360 14.04 5.09 3.18
C ALA A 360 14.22 4.01 2.12
N VAL A 361 15.43 3.93 1.57
CA VAL A 361 15.69 2.91 0.56
C VAL A 361 15.53 1.53 1.22
N SER A 362 14.77 0.66 0.58
CA SER A 362 14.52 -0.66 1.13
C SER A 362 15.75 -1.53 1.02
N ALA A 363 16.12 -2.20 2.10
CA ALA A 363 17.16 -3.24 2.05
C ALA A 363 16.83 -4.39 1.06
N CYS A 364 15.56 -4.65 0.76
CA CYS A 364 15.18 -5.80 -0.08
C CYS A 364 14.66 -5.45 -1.48
N HIS A 365 14.75 -4.19 -1.91
CA HIS A 365 14.16 -3.76 -3.18
C HIS A 365 14.83 -4.36 -4.44
N VAL A 366 14.01 -4.68 -5.44
CA VAL A 366 14.49 -5.26 -6.69
C VAL A 366 15.20 -4.19 -7.51
N HIS A 367 16.47 -4.44 -7.85
CA HIS A 367 17.20 -3.56 -8.75
C HIS A 367 18.13 -4.33 -9.69
N ASP A 368 18.91 -3.60 -10.49
CA ASP A 368 20.02 -4.20 -11.23
C ASP A 368 21.34 -3.54 -10.84
N GLU A 369 22.42 -3.92 -11.50
CA GLU A 369 23.76 -3.40 -11.18
C GLU A 369 24.00 -1.94 -11.62
N PHE A 370 23.12 -1.41 -12.47
CA PHE A 370 23.22 -0.04 -13.01
C PHE A 370 22.50 1.03 -12.18
N ARG A 371 21.28 0.72 -11.76
CA ARG A 371 20.45 1.70 -11.05
C ARG A 371 19.85 1.09 -9.78
N THR A 372 19.64 1.93 -8.76
CA THR A 372 19.02 1.53 -7.49
C THR A 372 17.91 2.51 -7.15
N ALA A 373 16.93 2.08 -6.36
CA ALA A 373 15.96 3.02 -5.80
C ALA A 373 16.68 4.01 -4.88
N ALA A 374 16.13 5.21 -4.74
CA ALA A 374 16.79 6.31 -4.04
C ALA A 374 15.81 7.16 -3.24
N VAL A 375 16.27 7.64 -2.08
CA VAL A 375 15.58 8.68 -1.28
C VAL A 375 16.61 9.76 -0.93
N GLU A 376 16.43 10.96 -1.49
CA GLU A 376 17.45 12.04 -1.38
C GLU A 376 16.85 13.40 -1.00
N GLY A 377 17.62 14.19 -0.24
CA GLY A 377 17.24 15.55 0.10
C GLY A 377 18.37 16.24 0.85
N PRO A 378 18.16 17.50 1.26
CA PRO A 378 16.93 18.27 1.06
C PRO A 378 16.94 19.05 -0.26
N PHE A 379 15.75 19.32 -0.81
CA PHE A 379 15.66 20.16 -1.99
C PHE A 379 14.87 21.40 -1.62
N VAL A 380 15.07 22.46 -2.39
CA VAL A 380 14.35 23.70 -2.15
C VAL A 380 13.17 23.72 -3.12
N THR A 381 11.96 23.73 -2.57
CA THR A 381 10.77 23.85 -3.40
C THR A 381 9.85 24.88 -2.78
N LEU A 382 9.56 25.93 -3.55
CA LEU A 382 8.65 26.95 -3.07
C LEU A 382 7.20 26.65 -3.41
N ASP A 383 6.27 27.30 -2.71
CA ASP A 383 4.80 27.22 -2.95
C ASP A 383 4.22 25.80 -2.91
N MET A 384 4.77 24.98 -2.03
CA MET A 384 4.33 23.61 -1.91
C MET A 384 2.88 23.48 -1.44
N GLU A 385 2.40 24.44 -0.67
CA GLU A 385 1.01 24.41 -0.17
C GLU A 385 -0.01 24.63 -1.26
N ASP A 386 0.39 25.31 -2.32
CA ASP A 386 -0.42 25.45 -3.54
C ASP A 386 -0.64 24.10 -4.24
N CYS A 387 0.19 23.11 -3.95
CA CYS A 387 0.10 21.79 -4.59
C CYS A 387 -1.10 20.95 -4.13
N GLY A 388 -1.60 21.22 -2.93
CA GLY A 388 -2.76 20.50 -2.42
C GLY A 388 -4.05 20.92 -3.10
N TYR A 389 -4.84 19.93 -3.55
CA TYR A 389 -6.17 20.20 -4.13
C TYR A 389 -7.24 20.44 -3.06
N ASN A 390 -8.24 21.29 -3.36
CA ASN A 390 -9.19 21.73 -2.32
C ASN A 390 -10.71 21.54 -2.51
NA NA B . 19.70 0.96 8.58
NA NA C . -1.68 3.12 24.22
S DMS D . -13.52 -1.83 20.78
O DMS D . -13.52 -2.49 19.11
C1 DMS D . -14.39 -0.24 20.80
C2 DMS D . -14.59 -2.82 21.85
C4 5T8 E . -8.14 -0.42 -3.00
C6 5T8 E . -10.15 -1.67 -2.54
C7 5T8 E . -9.66 -6.02 -2.00
C8 5T8 E . -8.36 -6.31 -2.37
C10 5T8 E . -7.80 -3.98 -2.01
C13 5T8 E . -10.58 -2.35 -0.18
C17 5T8 E . -6.26 -7.16 -4.50
C20 5T8 E . -4.14 -6.15 -3.91
C21 5T8 E . -3.49 -6.90 -4.92
C22 5T8 E . -2.09 -6.71 -5.09
C24 5T8 E . -2.15 -5.14 -3.31
C1 5T8 E . -9.53 -2.31 -1.29
N2 5T8 E . -8.36 -1.55 -0.82
C3 5T8 E . -7.75 -0.70 -1.56
O5 5T8 E . -9.11 -1.39 -3.50
C9 5T8 E . -7.42 -5.27 -2.38
C11 5T8 E . -9.09 -3.71 -1.66
C12 5T8 E . -10.02 -4.73 -1.66
N14 5T8 E . -6.68 -0.03 -1.02
N15 5T8 E . -6.09 -5.50 -2.70
C16 5T8 E . -5.53 -6.29 -3.71
C18 5T8 E . -5.60 -7.88 -5.49
C19 5T8 E . -4.25 -7.77 -5.71
C23 5T8 E . -1.45 -5.82 -4.28
N25 5T8 E . -3.43 -5.32 -3.15
CL2 5T8 E . 0.26 -5.53 -4.40
#